data_8S9O
#
_entry.id   8S9O
#
_cell.length_a   49.646
_cell.length_b   53.301
_cell.length_c   54.376
_cell.angle_alpha   97.040
_cell.angle_beta   104.340
_cell.angle_gamma   98.200
#
_symmetry.space_group_name_H-M   'P 1'
#
loop_
_entity.id
_entity.type
_entity.pdbx_description
1 polymer 'DNA cytosine-N4 methyltransferase'
2 non-polymer SINEFUNGIN
3 non-polymer 1,2-ETHANEDIOL
4 water water
#
_entity_poly.entity_id   1
_entity_poly.type   'polypeptide(L)'
_entity_poly.pdbx_seq_one_letter_code
;MHRESSLSNSDSFQKKKLKSFTNKYVVLDSLEGLRSLPDNSVQCVVTSPPYNKLGLREGRPYLGQIIYDTYDDNMNEDDY
QKWQLQILNEINRILKPGGSAFYNHKDRRFCKRDHPPEKFLSDSDLELYQTIIWDRGSTVNQNARYFRPYVEKIFWFTKS
ISGESTTPKFHRDRLPEYFKGVIWRIPPDKRNKHPAPFPAILAEICILTTTEEGDLVLDPFAGSGTTLVAAASLKRSYLG
FDISSKYQKMFHQRLATSKSKVHLWLEHHHHHH
;
_entity_poly.pdbx_strand_id   A,B
#
loop_
_chem_comp.id
_chem_comp.type
_chem_comp.name
_chem_comp.formula
EDO non-polymer 1,2-ETHANEDIOL 'C2 H6 O2'
SFG non-polymer SINEFUNGIN 'C15 H23 N7 O5'
#
# COMPACT_ATOMS: atom_id res chain seq x y z
N SER A 8 21.64 33.45 -13.99
CA SER A 8 21.75 33.79 -12.57
C SER A 8 22.90 33.02 -11.93
N ASN A 9 23.37 33.52 -10.78
CA ASN A 9 24.48 32.87 -10.07
C ASN A 9 24.10 31.46 -9.65
N SER A 10 22.89 31.28 -9.11
CA SER A 10 22.45 29.95 -8.68
C SER A 10 22.28 29.01 -9.87
N ASP A 11 21.72 29.50 -10.97
CA ASP A 11 21.62 28.67 -12.17
C ASP A 11 22.99 28.26 -12.68
N SER A 12 23.94 29.21 -12.70
CA SER A 12 25.30 28.90 -13.11
C SER A 12 25.94 27.90 -12.15
N PHE A 13 25.75 28.10 -10.85
CA PHE A 13 26.32 27.19 -9.87
C PHE A 13 25.76 25.79 -10.04
N GLN A 14 24.44 25.66 -10.22
CA GLN A 14 23.84 24.34 -10.32
C GLN A 14 24.23 23.65 -11.63
N LYS A 15 24.31 24.40 -12.73
CA LYS A 15 24.76 23.81 -13.99
C LYS A 15 26.18 23.28 -13.87
N LYS A 16 27.08 24.05 -13.22
CA LYS A 16 28.44 23.55 -12.99
C LYS A 16 28.45 22.32 -12.11
N LYS A 17 27.66 22.33 -11.03
CA LYS A 17 27.59 21.16 -10.15
C LYS A 17 27.07 19.94 -10.90
N LEU A 18 26.05 20.13 -11.75
CA LEU A 18 25.53 19.03 -12.54
C LEU A 18 26.60 18.46 -13.46
N LYS A 19 27.36 19.33 -14.11
CA LYS A 19 28.41 18.88 -15.02
C LYS A 19 29.44 18.02 -14.28
N SER A 20 29.83 18.44 -13.08
CA SER A 20 30.86 17.73 -12.33
C SER A 20 30.33 16.46 -11.69
N PHE A 21 29.02 16.43 -11.39
CA PHE A 21 28.44 15.30 -10.64
C PHE A 21 28.02 14.13 -11.51
N THR A 22 27.95 14.32 -12.82
CA THR A 22 27.35 13.33 -13.72
C THR A 22 28.22 12.07 -13.77
N ASN A 23 27.57 10.91 -13.67
CA ASN A 23 28.26 9.62 -13.62
C ASN A 23 29.23 9.55 -12.46
N LYS A 24 28.81 10.06 -11.30
CA LYS A 24 29.61 10.08 -10.09
C LYS A 24 28.78 9.61 -8.91
N TYR A 25 29.47 9.02 -7.94
CA TYR A 25 28.94 8.75 -6.62
C TYR A 25 29.54 9.82 -5.71
N VAL A 26 28.71 10.75 -5.26
CA VAL A 26 29.18 11.94 -4.54
C VAL A 26 28.87 11.75 -3.06
N VAL A 27 29.91 11.81 -2.23
CA VAL A 27 29.74 11.73 -0.78
C VAL A 27 29.34 13.12 -0.30
N LEU A 28 28.08 13.25 0.13
CA LEU A 28 27.48 14.55 0.38
C LEU A 28 26.11 14.33 0.99
N ASP A 29 25.70 15.24 1.87
CA ASP A 29 24.36 15.17 2.44
C ASP A 29 23.33 15.23 1.31
N SER A 30 22.29 14.41 1.43
CA SER A 30 21.33 14.24 0.33
CA SER A 30 21.33 14.24 0.34
C SER A 30 20.65 15.55 -0.01
N LEU A 31 20.21 16.31 1.00
CA LEU A 31 19.52 17.56 0.71
C LEU A 31 20.46 18.59 0.09
N GLU A 32 21.71 18.64 0.56
CA GLU A 32 22.68 19.55 -0.03
C GLU A 32 22.95 19.19 -1.50
N GLY A 33 23.07 17.90 -1.79
CA GLY A 33 23.28 17.48 -3.17
C GLY A 33 22.11 17.81 -4.07
N LEU A 34 20.89 17.59 -3.58
CA LEU A 34 19.70 17.88 -4.38
C LEU A 34 19.58 19.37 -4.68
N ARG A 35 19.89 20.21 -3.70
CA ARG A 35 19.84 21.66 -3.93
C ARG A 35 20.95 22.14 -4.85
N SER A 36 21.97 21.32 -5.09
CA SER A 36 23.01 21.65 -6.05
C SER A 36 22.60 21.39 -7.49
N LEU A 37 21.42 20.78 -7.71
CA LEU A 37 21.05 20.38 -9.06
C LEU A 37 20.10 21.39 -9.69
N PRO A 38 20.18 21.54 -11.01
CA PRO A 38 19.29 22.49 -11.70
C PRO A 38 17.86 21.97 -11.79
N ASP A 39 16.94 22.91 -11.99
CA ASP A 39 15.56 22.57 -12.31
C ASP A 39 15.50 21.67 -13.54
N ASN A 40 14.60 20.70 -13.50
CA ASN A 40 14.28 19.89 -14.68
C ASN A 40 15.53 19.23 -15.27
N SER A 41 16.37 18.69 -14.40
CA SER A 41 17.64 18.10 -14.82
C SER A 41 17.68 16.59 -14.74
N VAL A 42 16.68 15.96 -14.14
CA VAL A 42 16.72 14.53 -13.83
C VAL A 42 15.48 13.86 -14.40
N GLN A 43 15.67 12.75 -15.11
CA GLN A 43 14.55 12.02 -15.70
C GLN A 43 13.97 10.99 -14.75
N CYS A 44 14.79 10.34 -13.93
CA CYS A 44 14.33 9.24 -13.10
C CYS A 44 15.09 9.20 -11.79
N VAL A 45 14.33 9.09 -10.69
CA VAL A 45 14.89 8.86 -9.36
C VAL A 45 14.44 7.48 -8.89
N VAL A 46 15.38 6.70 -8.36
CA VAL A 46 15.08 5.44 -7.68
C VAL A 46 15.82 5.47 -6.36
N THR A 47 15.10 5.37 -5.24
CA THR A 47 15.76 5.55 -3.96
C THR A 47 14.98 4.88 -2.84
N SER A 48 15.71 4.41 -1.84
CA SER A 48 15.12 3.89 -0.60
C SER A 48 15.74 4.65 0.57
N PRO A 49 15.02 5.58 1.19
CA PRO A 49 15.63 6.43 2.22
C PRO A 49 15.98 5.64 3.47
N PRO A 50 16.91 6.13 4.27
CA PRO A 50 17.28 5.44 5.50
C PRO A 50 16.22 5.62 6.58
N TYR A 51 16.38 4.82 7.65
CA TYR A 51 15.50 4.96 8.81
C TYR A 51 15.71 6.31 9.50
N ASN A 52 16.95 6.78 9.57
CA ASN A 52 17.27 8.02 10.25
C ASN A 52 18.28 8.81 9.42
N LYS A 53 18.28 10.12 9.61
CA LYS A 53 19.17 11.00 8.88
C LYS A 53 20.59 10.86 9.41
N LEU A 54 21.54 10.57 8.50
CA LEU A 54 22.94 10.36 8.84
C LEU A 54 23.10 9.28 9.89
N ASN A 76 13.06 11.95 15.72
CA ASN A 76 11.66 11.71 16.04
C ASN A 76 10.84 11.54 14.76
N GLU A 77 9.57 11.14 14.91
CA GLU A 77 8.70 10.97 13.76
C GLU A 77 8.48 12.30 13.03
N ASP A 78 8.24 13.37 13.80
CA ASP A 78 7.99 14.67 13.18
C ASP A 78 9.19 15.17 12.40
N ASP A 79 10.39 15.02 12.96
CA ASP A 79 11.59 15.48 12.27
C ASP A 79 11.86 14.67 11.01
N TYR A 80 11.65 13.35 11.07
CA TYR A 80 11.88 12.51 9.90
C TYR A 80 10.96 12.91 8.75
N GLN A 81 9.67 13.15 9.05
CA GLN A 81 8.72 13.50 8.01
C GLN A 81 9.01 14.88 7.44
N LYS A 82 9.31 15.84 8.31
CA LYS A 82 9.70 17.18 7.85
C LYS A 82 10.92 17.10 6.95
N TRP A 83 11.92 16.31 7.34
CA TRP A 83 13.11 16.13 6.52
C TRP A 83 12.78 15.48 5.18
N GLN A 84 11.95 14.44 5.19
CA GLN A 84 11.61 13.76 3.93
C GLN A 84 10.79 14.65 3.02
N LEU A 85 9.93 15.51 3.57
CA LEU A 85 9.17 16.44 2.74
C LEU A 85 10.11 17.38 2.00
N GLN A 86 11.16 17.87 2.67
CA GLN A 86 12.16 18.69 1.99
C GLN A 86 12.84 17.92 0.87
N ILE A 87 13.16 16.65 1.12
CA ILE A 87 13.79 15.82 0.10
C ILE A 87 12.86 15.67 -1.10
N LEU A 88 11.60 15.33 -0.85
CA LEU A 88 10.64 15.11 -1.93
C LEU A 88 10.37 16.40 -2.70
N ASN A 89 10.23 17.52 -1.99
CA ASN A 89 9.99 18.79 -2.66
C ASN A 89 11.18 19.18 -3.54
N GLU A 90 12.40 18.93 -3.08
CA GLU A 90 13.57 19.16 -3.92
C GLU A 90 13.54 18.25 -5.15
N ILE A 91 13.13 17.00 -4.98
CA ILE A 91 13.06 16.09 -6.11
C ILE A 91 12.06 16.59 -7.15
N ASN A 92 10.92 17.12 -6.70
CA ASN A 92 9.95 17.67 -7.63
C ASN A 92 10.55 18.80 -8.45
N ARG A 93 11.36 19.64 -7.83
CA ARG A 93 11.98 20.75 -8.55
C ARG A 93 12.93 20.26 -9.64
N ILE A 94 13.72 19.23 -9.34
CA ILE A 94 14.76 18.80 -10.27
C ILE A 94 14.29 17.78 -11.29
N LEU A 95 13.13 17.15 -11.08
CA LEU A 95 12.61 16.24 -12.08
C LEU A 95 12.27 16.98 -13.36
N LYS A 96 12.56 16.35 -14.50
CA LYS A 96 12.04 16.85 -15.75
C LYS A 96 10.53 16.66 -15.79
N PRO A 97 9.79 17.52 -16.50
CA PRO A 97 8.38 17.23 -16.74
C PRO A 97 8.24 15.86 -17.39
N GLY A 98 7.30 15.07 -16.88
CA GLY A 98 7.20 13.69 -17.27
C GLY A 98 8.19 12.77 -16.59
N GLY A 99 9.03 13.29 -15.71
CA GLY A 99 9.96 12.45 -14.98
C GLY A 99 9.28 11.66 -13.88
N SER A 100 10.01 10.69 -13.35
CA SER A 100 9.47 9.78 -12.35
C SER A 100 10.41 9.65 -11.17
N ALA A 101 9.84 9.49 -9.99
CA ALA A 101 10.59 9.20 -8.77
C ALA A 101 10.00 7.95 -8.15
N PHE A 102 10.83 6.92 -7.95
CA PHE A 102 10.43 5.68 -7.31
C PHE A 102 11.05 5.64 -5.92
N TYR A 103 10.19 5.54 -4.91
CA TYR A 103 10.54 5.82 -3.52
C TYR A 103 10.14 4.61 -2.68
N ASN A 104 11.10 3.75 -2.36
CA ASN A 104 10.84 2.52 -1.62
C ASN A 104 10.95 2.79 -0.13
N HIS A 105 9.83 2.65 0.57
CA HIS A 105 9.77 2.88 2.02
C HIS A 105 10.02 1.56 2.74
N LYS A 106 11.14 1.47 3.44
CA LYS A 106 11.51 0.22 4.10
C LYS A 106 10.56 -0.11 5.24
N ASP A 107 10.43 -1.41 5.50
CA ASP A 107 9.62 -1.90 6.62
C ASP A 107 9.98 -3.35 6.93
N HIS A 115 0.35 8.19 10.96
CA HIS A 115 1.44 7.25 11.13
C HIS A 115 1.89 6.56 9.83
N PRO A 116 0.97 6.03 9.02
CA PRO A 116 1.37 5.41 7.77
C PRO A 116 2.06 6.42 6.87
N PRO A 117 3.02 5.98 6.06
CA PRO A 117 3.81 6.93 5.27
C PRO A 117 2.98 7.80 4.34
N GLU A 118 1.86 7.27 3.81
CA GLU A 118 1.03 8.05 2.90
C GLU A 118 0.49 9.32 3.55
N LYS A 119 0.43 9.37 4.89
CA LYS A 119 -0.10 10.55 5.57
C LYS A 119 0.71 11.79 5.24
N PHE A 120 2.03 11.71 5.36
CA PHE A 120 2.88 12.87 5.07
C PHE A 120 3.39 12.90 3.64
N LEU A 121 3.47 11.75 2.97
CA LEU A 121 3.98 11.72 1.60
C LEU A 121 3.10 12.52 0.65
N SER A 122 1.82 12.67 0.98
CA SER A 122 0.91 13.43 0.13
C SER A 122 1.05 14.94 0.29
N ASP A 123 1.69 15.39 1.38
CA ASP A 123 1.91 16.82 1.59
C ASP A 123 3.02 17.38 0.70
N SER A 124 3.77 16.52 0.01
CA SER A 124 4.86 16.96 -0.84
CA SER A 124 4.86 16.96 -0.84
C SER A 124 4.32 17.57 -2.13
N ASP A 125 5.19 18.36 -2.78
CA ASP A 125 4.85 18.90 -4.09
C ASP A 125 4.74 17.80 -5.13
N LEU A 126 5.43 16.68 -4.92
CA LEU A 126 5.31 15.53 -5.81
C LEU A 126 3.89 15.01 -5.81
N GLU A 127 3.48 14.47 -6.95
CA GLU A 127 2.18 13.83 -7.11
C GLU A 127 2.36 12.32 -7.05
N LEU A 128 1.71 11.67 -6.09
CA LEU A 128 1.73 10.22 -6.04
C LEU A 128 0.90 9.67 -7.19
N TYR A 129 1.51 8.80 -7.99
CA TYR A 129 0.91 8.31 -9.24
C TYR A 129 0.38 6.89 -9.10
N GLN A 130 1.18 5.99 -8.52
CA GLN A 130 0.75 4.63 -8.26
C GLN A 130 1.63 4.06 -7.16
N THR A 131 1.04 3.20 -6.33
CA THR A 131 1.78 2.47 -5.31
C THR A 131 2.08 1.07 -5.82
N ILE A 132 3.36 0.78 -5.97
CA ILE A 132 3.82 -0.51 -6.47
C ILE A 132 4.10 -1.43 -5.29
N ILE A 133 3.70 -2.69 -5.42
CA ILE A 133 3.82 -3.68 -4.35
C ILE A 133 5.04 -4.55 -4.66
N TRP A 134 6.07 -4.44 -3.82
CA TRP A 134 7.27 -5.26 -3.97
C TRP A 134 7.13 -6.49 -3.09
N ASP A 135 6.90 -7.65 -3.72
CA ASP A 135 6.84 -8.92 -3.03
C ASP A 135 8.25 -9.49 -2.98
N ARG A 136 8.82 -9.56 -1.78
CA ARG A 136 10.16 -10.06 -1.61
C ARG A 136 10.23 -11.59 -1.57
N GLY A 137 9.09 -12.25 -1.64
CA GLY A 137 9.05 -13.71 -1.69
C GLY A 137 8.93 -14.39 -0.35
N SER A 138 9.73 -13.98 0.62
CA SER A 138 9.71 -14.57 1.94
C SER A 138 10.14 -13.53 2.97
N THR A 139 10.13 -13.94 4.23
CA THR A 139 10.56 -13.09 5.33
C THR A 139 10.98 -14.00 6.47
N VAL A 140 11.95 -13.52 7.26
CA VAL A 140 12.34 -14.27 8.46
C VAL A 140 11.43 -13.95 9.63
N ASN A 141 10.68 -12.86 9.57
CA ASN A 141 9.74 -12.50 10.63
C ASN A 141 8.52 -13.39 10.50
N GLN A 142 8.54 -14.51 11.23
CA GLN A 142 7.43 -15.44 11.26
C GLN A 142 6.52 -15.22 12.46
N ASN A 143 6.65 -14.08 13.14
CA ASN A 143 5.77 -13.74 14.25
C ASN A 143 4.32 -13.84 13.81
N ALA A 144 3.54 -14.63 14.54
CA ALA A 144 2.19 -14.98 14.14
C ALA A 144 1.14 -14.00 14.63
N ARG A 145 1.54 -12.81 15.08
CA ARG A 145 0.60 -11.76 15.44
C ARG A 145 0.02 -11.05 14.23
N TYR A 146 0.50 -11.36 13.03
CA TYR A 146 0.05 -10.71 11.81
C TYR A 146 0.35 -11.62 10.63
N PHE A 147 -0.17 -11.26 9.47
CA PHE A 147 0.17 -11.97 8.25
C PHE A 147 1.63 -11.71 7.89
N ARG A 148 2.25 -12.70 7.27
CA ARG A 148 3.69 -12.65 6.99
C ARG A 148 4.04 -11.39 6.21
N PRO A 149 4.87 -10.50 6.76
CA PRO A 149 5.11 -9.17 6.15
C PRO A 149 6.28 -9.15 5.18
N TYR A 150 6.07 -9.75 4.00
CA TYR A 150 7.10 -9.81 2.98
C TYR A 150 6.88 -8.81 1.85
N VAL A 151 6.16 -7.72 2.12
CA VAL A 151 5.83 -6.72 1.11
C VAL A 151 6.36 -5.36 1.55
N GLU A 152 7.05 -4.68 0.66
CA GLU A 152 7.38 -3.27 0.82
C GLU A 152 6.74 -2.48 -0.31
N LYS A 153 6.34 -1.24 -0.01
CA LYS A 153 5.75 -0.37 -1.00
C LYS A 153 6.83 0.38 -1.76
N ILE A 154 6.57 0.61 -3.04
CA ILE A 154 7.38 1.49 -3.88
C ILE A 154 6.46 2.59 -4.39
N PHE A 155 6.61 3.79 -3.86
CA PHE A 155 5.77 4.91 -4.24
C PHE A 155 6.30 5.53 -5.53
N TRP A 156 5.46 5.55 -6.55
CA TRP A 156 5.80 6.08 -7.86
C TRP A 156 5.23 7.50 -7.96
N PHE A 157 6.10 8.50 -7.90
CA PHE A 157 5.70 9.90 -7.97
C PHE A 157 5.97 10.47 -9.35
N THR A 158 5.19 11.50 -9.71
CA THR A 158 5.41 12.28 -10.91
C THR A 158 5.56 13.75 -10.52
N LYS A 159 6.15 14.52 -11.43
CA LYS A 159 6.36 15.95 -11.18
C LYS A 159 5.06 16.72 -11.30
N SER A 160 4.85 17.67 -10.40
CA SER A 160 3.75 18.62 -10.47
C SER A 160 4.31 19.98 -10.84
N ILE A 161 3.59 20.68 -11.73
CA ILE A 161 3.98 22.01 -12.18
C ILE A 161 2.83 22.96 -11.90
N SER A 162 3.09 23.99 -11.10
CA SER A 162 2.09 24.99 -10.73
C SER A 162 0.82 24.33 -10.19
N GLY A 163 1.01 23.31 -9.34
CA GLY A 163 -0.10 22.59 -8.77
C GLY A 163 -0.83 21.66 -9.71
N GLU A 164 -0.39 21.56 -10.96
CA GLU A 164 -0.99 20.67 -11.94
C GLU A 164 -0.09 19.46 -12.16
N SER A 165 -0.70 18.32 -12.41
CA SER A 165 0.02 17.06 -12.52
C SER A 165 0.48 16.82 -13.94
N THR A 166 1.62 16.15 -14.07
CA THR A 166 2.12 15.69 -15.35
C THR A 166 1.73 14.23 -15.56
N THR A 167 1.97 13.75 -16.79
CA THR A 167 1.83 12.34 -17.12
C THR A 167 3.21 11.75 -17.30
N PRO A 168 3.59 10.72 -16.53
CA PRO A 168 4.96 10.22 -16.61
C PRO A 168 5.24 9.53 -17.94
N LYS A 169 6.41 9.80 -18.50
CA LYS A 169 6.93 8.98 -19.57
C LYS A 169 7.09 7.56 -19.07
N PHE A 170 6.41 6.62 -19.72
CA PHE A 170 6.33 5.26 -19.19
C PHE A 170 6.13 4.29 -20.35
N HIS A 171 7.02 3.30 -20.46
CA HIS A 171 7.00 2.34 -21.57
C HIS A 171 6.93 0.93 -20.98
N ARG A 172 5.71 0.49 -20.67
CA ARG A 172 5.51 -0.81 -20.05
C ARG A 172 5.82 -1.95 -21.01
N ASP A 173 5.78 -1.69 -22.31
CA ASP A 173 6.08 -2.72 -23.29
C ASP A 173 7.53 -3.20 -23.22
N ARG A 174 8.41 -2.41 -22.61
CA ARG A 174 9.81 -2.81 -22.49
C ARG A 174 10.03 -3.91 -21.47
N LEU A 175 9.03 -4.22 -20.66
CA LEU A 175 9.15 -5.19 -19.59
C LEU A 175 8.69 -6.57 -20.03
N PRO A 176 9.26 -7.62 -19.44
CA PRO A 176 8.66 -8.95 -19.57
C PRO A 176 7.30 -8.96 -18.89
N GLU A 177 6.46 -9.91 -19.31
CA GLU A 177 5.10 -9.99 -18.79
C GLU A 177 5.10 -10.11 -17.26
N TYR A 178 6.17 -10.68 -16.70
CA TYR A 178 6.28 -10.89 -15.26
C TYR A 178 6.23 -9.58 -14.48
N PHE A 179 6.67 -8.47 -15.07
CA PHE A 179 6.80 -7.21 -14.36
C PHE A 179 5.86 -6.13 -14.88
N LYS A 180 4.84 -6.49 -15.66
CA LYS A 180 3.88 -5.50 -16.15
C LYS A 180 2.79 -5.18 -15.13
N GLY A 181 2.67 -5.98 -14.07
CA GLY A 181 1.64 -5.78 -13.07
C GLY A 181 2.14 -4.98 -11.87
N VAL A 182 1.18 -4.60 -11.02
CA VAL A 182 1.48 -3.73 -9.89
C VAL A 182 2.18 -4.47 -8.75
N ILE A 183 2.31 -5.79 -8.83
CA ILE A 183 3.09 -6.56 -7.88
C ILE A 183 4.35 -7.05 -8.59
N TRP A 184 5.52 -6.74 -8.03
CA TRP A 184 6.79 -7.24 -8.51
C TRP A 184 7.29 -8.28 -7.51
N ARG A 185 7.50 -9.51 -7.98
CA ARG A 185 8.08 -10.57 -7.15
C ARG A 185 9.58 -10.57 -7.40
N ILE A 186 10.34 -10.01 -6.45
CA ILE A 186 11.79 -9.87 -6.60
C ILE A 186 12.48 -10.29 -5.31
N PRO A 187 13.20 -11.41 -5.29
CA PRO A 187 13.89 -11.85 -4.07
C PRO A 187 15.08 -10.95 -3.77
N PRO A 188 15.51 -10.90 -2.51
CA PRO A 188 16.64 -10.03 -2.14
C PRO A 188 17.93 -10.43 -2.84
N ASP A 189 18.79 -9.43 -3.07
CA ASP A 189 20.10 -9.65 -3.68
C ASP A 189 21.04 -10.21 -2.62
N LYS A 190 21.39 -11.49 -2.75
CA LYS A 190 22.12 -12.18 -1.69
C LYS A 190 23.54 -11.66 -1.55
N ARG A 191 24.19 -11.31 -2.66
CA ARG A 191 25.61 -10.98 -2.66
C ARG A 191 25.88 -9.51 -2.34
N ASN A 192 24.85 -8.68 -2.18
CA ASN A 192 25.08 -7.27 -1.88
C ASN A 192 25.70 -7.12 -0.49
N LYS A 193 26.72 -6.27 -0.39
CA LYS A 193 27.47 -6.09 0.84
C LYS A 193 26.85 -5.07 1.78
N HIS A 194 25.77 -4.38 1.37
CA HIS A 194 25.12 -3.34 2.15
C HIS A 194 24.13 -3.96 3.14
N PRO A 195 23.97 -3.35 4.32
CA PRO A 195 23.04 -3.91 5.31
C PRO A 195 21.58 -3.90 4.88
N ALA A 196 21.15 -3.00 3.99
CA ALA A 196 19.75 -2.89 3.61
C ALA A 196 19.62 -2.31 2.21
N PRO A 197 20.00 -3.08 1.18
CA PRO A 197 19.89 -2.61 -0.21
C PRO A 197 18.54 -2.98 -0.85
N PHE A 198 18.39 -2.71 -2.14
CA PHE A 198 17.37 -3.34 -2.96
C PHE A 198 18.03 -3.95 -4.20
N PRO A 199 17.36 -4.90 -4.87
CA PRO A 199 18.01 -5.60 -5.99
C PRO A 199 18.17 -4.70 -7.21
N ALA A 200 19.15 -5.06 -8.04
CA ALA A 200 19.42 -4.31 -9.26
C ALA A 200 18.24 -4.37 -10.22
N ILE A 201 17.58 -5.54 -10.30
CA ILE A 201 16.48 -5.69 -11.24
C ILE A 201 15.31 -4.79 -10.84
N LEU A 202 15.16 -4.47 -9.55
CA LEU A 202 14.18 -3.48 -9.15
C LEU A 202 14.50 -2.12 -9.77
N ALA A 203 15.75 -1.71 -9.69
CA ALA A 203 16.16 -0.45 -10.29
C ALA A 203 16.02 -0.49 -11.81
N GLU A 204 16.31 -1.65 -12.41
CA GLU A 204 16.24 -1.78 -13.86
C GLU A 204 14.82 -1.56 -14.37
N ILE A 205 13.82 -2.10 -13.65
CA ILE A 205 12.43 -1.93 -14.07
C ILE A 205 12.07 -0.45 -14.08
N CYS A 206 12.40 0.27 -13.02
CA CYS A 206 12.06 1.68 -12.93
C CYS A 206 12.76 2.49 -14.02
N ILE A 207 14.05 2.23 -14.24
CA ILE A 207 14.83 3.02 -15.18
C ILE A 207 14.40 2.76 -16.62
N LEU A 208 14.30 1.48 -16.99
CA LEU A 208 14.07 1.13 -18.39
C LEU A 208 12.74 1.66 -18.90
N THR A 209 11.73 1.71 -18.05
CA THR A 209 10.41 2.12 -18.49
C THR A 209 10.22 3.64 -18.51
N THR A 210 11.09 4.40 -17.86
CA THR A 210 10.89 5.83 -17.74
C THR A 210 12.01 6.67 -18.36
N THR A 211 12.93 6.06 -19.11
CA THR A 211 14.09 6.78 -19.61
C THR A 211 14.43 6.36 -21.04
N GLU A 212 15.26 7.17 -21.67
CA GLU A 212 16.02 6.81 -22.85
C GLU A 212 17.50 6.74 -22.47
N GLU A 213 18.30 6.14 -23.35
CA GLU A 213 19.74 6.13 -23.14
C GLU A 213 20.28 7.55 -23.04
N GLY A 214 21.19 7.77 -22.09
CA GLY A 214 21.77 9.07 -21.85
C GLY A 214 21.03 9.91 -20.82
N ASP A 215 19.79 9.56 -20.49
CA ASP A 215 19.05 10.29 -19.47
C ASP A 215 19.69 10.08 -18.10
N LEU A 216 19.50 11.06 -17.22
CA LEU A 216 20.12 11.06 -15.91
C LEU A 216 19.24 10.34 -14.89
N VAL A 217 19.81 9.37 -14.19
CA VAL A 217 19.14 8.65 -13.11
C VAL A 217 19.81 9.03 -11.80
N LEU A 218 19.00 9.37 -10.80
CA LEU A 218 19.51 9.86 -9.52
C LEU A 218 19.03 8.96 -8.38
N ASP A 219 19.95 8.66 -7.46
CA ASP A 219 19.61 8.07 -6.17
C ASP A 219 20.23 8.93 -5.09
N PRO A 220 19.45 9.74 -4.37
CA PRO A 220 20.01 10.59 -3.32
C PRO A 220 20.40 9.84 -2.05
N PHE A 221 20.20 8.52 -2.01
CA PHE A 221 20.57 7.65 -0.89
C PHE A 221 21.26 6.39 -1.43
N ALA A 222 22.30 6.62 -2.24
CA ALA A 222 22.82 5.60 -3.15
C ALA A 222 23.20 4.30 -2.43
N GLY A 223 23.75 4.38 -1.23
CA GLY A 223 24.17 3.17 -0.54
C GLY A 223 25.22 2.42 -1.32
N SER A 224 24.94 1.14 -1.61
CA SER A 224 25.85 0.31 -2.38
C SER A 224 25.92 0.72 -3.85
N GLY A 225 25.09 1.66 -4.28
CA GLY A 225 25.09 2.09 -5.66
C GLY A 225 24.24 1.27 -6.59
N THR A 226 23.27 0.51 -6.06
CA THR A 226 22.45 -0.37 -6.88
C THR A 226 21.80 0.39 -8.04
N THR A 227 21.23 1.55 -7.74
CA THR A 227 20.59 2.35 -8.80
C THR A 227 21.60 2.77 -9.86
N LEU A 228 22.79 3.17 -9.43
CA LEU A 228 23.80 3.65 -10.37
C LEU A 228 24.33 2.51 -11.24
N VAL A 229 24.52 1.33 -10.65
CA VAL A 229 24.95 0.17 -11.42
C VAL A 229 23.91 -0.18 -12.48
N ALA A 230 22.63 -0.15 -12.11
CA ALA A 230 21.56 -0.44 -13.06
C ALA A 230 21.55 0.59 -14.19
N ALA A 231 21.66 1.88 -13.84
CA ALA A 231 21.66 2.93 -14.85
C ALA A 231 22.80 2.74 -15.83
N ALA A 232 24.00 2.44 -15.33
CA ALA A 232 25.16 2.28 -16.21
C ALA A 232 25.02 1.06 -17.10
N SER A 233 24.48 -0.04 -16.57
CA SER A 233 24.26 -1.22 -17.41
C SER A 233 23.23 -0.97 -18.50
N LEU A 234 22.35 0.01 -18.32
CA LEU A 234 21.33 0.36 -19.30
C LEU A 234 21.73 1.55 -20.16
N LYS A 235 22.99 1.99 -20.07
CA LYS A 235 23.51 3.11 -20.85
C LYS A 235 22.79 4.42 -20.54
N ARG A 236 22.36 4.58 -19.30
CA ARG A 236 21.88 5.85 -18.78
C ARG A 236 22.97 6.52 -17.96
N SER A 237 22.90 7.84 -17.87
CA SER A 237 23.76 8.58 -16.96
C SER A 237 23.23 8.46 -15.55
N TYR A 238 24.15 8.48 -14.58
CA TYR A 238 23.77 8.26 -13.19
C TYR A 238 24.39 9.30 -12.28
N LEU A 239 23.83 9.38 -11.07
CA LEU A 239 24.32 10.28 -10.04
C LEU A 239 23.79 9.79 -8.70
N GLY A 240 24.68 9.68 -7.73
CA GLY A 240 24.30 9.24 -6.40
C GLY A 240 24.85 10.15 -5.33
N PHE A 241 24.09 10.27 -4.24
CA PHE A 241 24.56 10.91 -3.02
C PHE A 241 24.44 9.92 -1.87
N ASP A 242 25.43 9.96 -0.99
CA ASP A 242 25.40 9.20 0.25
C ASP A 242 26.44 9.80 1.17
N ILE A 243 26.19 9.72 2.49
CA ILE A 243 27.13 10.29 3.45
C ILE A 243 28.29 9.36 3.76
N SER A 244 28.31 8.17 3.19
CA SER A 244 29.29 7.15 3.56
C SER A 244 30.37 7.06 2.48
N SER A 245 31.61 7.36 2.86
CA SER A 245 32.74 7.07 1.99
C SER A 245 32.94 5.57 1.82
N LYS A 246 32.61 4.80 2.86
CA LYS A 246 32.69 3.34 2.78
C LYS A 246 31.78 2.80 1.70
N TYR A 247 30.54 3.29 1.63
CA TYR A 247 29.62 2.84 0.60
C TYR A 247 30.02 3.36 -0.78
N GLN A 248 30.59 4.56 -0.84
CA GLN A 248 31.14 5.05 -2.10
C GLN A 248 32.23 4.11 -2.62
N LYS A 249 33.13 3.69 -1.73
CA LYS A 249 34.15 2.72 -2.10
C LYS A 249 33.52 1.39 -2.49
N MET A 250 32.46 0.98 -1.79
CA MET A 250 31.74 -0.22 -2.16
C MET A 250 31.22 -0.14 -3.59
N PHE A 251 30.68 1.01 -3.97
CA PHE A 251 30.14 1.19 -5.32
C PHE A 251 31.25 1.10 -6.37
N HIS A 252 32.37 1.79 -6.12
CA HIS A 252 33.45 1.80 -7.11
C HIS A 252 33.97 0.40 -7.38
N GLN A 253 34.14 -0.41 -6.33
CA GLN A 253 34.65 -1.77 -6.51
C GLN A 253 33.60 -2.68 -7.11
N ARG A 254 32.33 -2.50 -6.71
CA ARG A 254 31.24 -3.24 -7.35
C ARG A 254 31.20 -2.96 -8.84
N LEU A 255 31.29 -1.67 -9.21
CA LEU A 255 31.25 -1.28 -10.61
C LEU A 255 32.42 -1.88 -11.39
N ALA A 256 33.58 -2.01 -10.74
CA ALA A 256 34.77 -2.50 -11.43
C ALA A 256 34.71 -4.01 -11.65
N THR A 257 34.09 -4.75 -10.75
CA THR A 257 34.01 -6.20 -10.87
C THR A 257 32.75 -6.69 -11.56
N SER A 258 31.82 -5.79 -11.89
CA SER A 258 30.63 -6.17 -12.63
C SER A 258 30.91 -6.12 -14.13
N LYS A 259 30.09 -6.87 -14.88
CA LYS A 259 30.26 -7.00 -16.32
C LYS A 259 29.15 -6.30 -17.09
N SER A 260 28.54 -5.27 -16.48
CA SER A 260 27.45 -4.52 -17.11
C SER A 260 26.28 -5.42 -17.51
N LYS A 261 26.06 -6.49 -16.76
CA LYS A 261 24.95 -7.39 -17.05
C LYS A 261 23.63 -6.70 -16.73
N VAL A 262 22.63 -6.95 -17.58
CA VAL A 262 21.27 -6.48 -17.36
C VAL A 262 20.47 -7.64 -16.79
N HIS A 263 19.99 -7.48 -15.55
CA HIS A 263 19.30 -8.58 -14.88
C HIS A 263 17.94 -8.85 -15.50
N LEU A 264 17.25 -7.81 -15.98
CA LEU A 264 16.01 -8.02 -16.72
C LEU A 264 16.24 -8.95 -17.91
N TRP A 265 17.30 -8.69 -18.67
CA TRP A 265 17.59 -9.46 -19.87
C TRP A 265 18.53 -10.61 -19.59
N GLN B 14 -30.19 -0.80 23.59
CA GLN B 14 -29.10 -1.25 22.74
C GLN B 14 -28.69 -2.69 23.08
N LYS B 15 -28.44 -2.93 24.38
CA LYS B 15 -28.08 -4.27 24.82
C LYS B 15 -29.21 -5.26 24.56
N LYS B 16 -30.45 -4.87 24.84
CA LYS B 16 -31.59 -5.69 24.48
C LYS B 16 -31.79 -5.73 22.98
N LYS B 17 -31.59 -4.59 22.30
CA LYS B 17 -31.76 -4.53 20.85
C LYS B 17 -30.74 -5.38 20.12
N LEU B 18 -29.59 -5.66 20.74
CA LEU B 18 -28.60 -6.52 20.10
C LEU B 18 -29.10 -7.95 20.00
N LYS B 19 -29.84 -8.41 21.00
CA LYS B 19 -30.47 -9.73 20.91
C LYS B 19 -31.41 -9.80 19.71
N SER B 20 -32.08 -8.68 19.39
CA SER B 20 -33.00 -8.61 18.26
C SER B 20 -32.31 -8.30 16.96
N PHE B 21 -30.99 -8.06 16.98
CA PHE B 21 -30.22 -7.77 15.78
C PHE B 21 -29.36 -8.94 15.32
N THR B 22 -29.41 -10.05 16.03
CA THR B 22 -28.45 -11.14 15.84
C THR B 22 -28.95 -12.01 14.70
N ASN B 23 -28.05 -12.31 13.76
CA ASN B 23 -28.39 -13.06 12.55
C ASN B 23 -29.50 -12.38 11.75
N LYS B 24 -29.35 -11.07 11.53
CA LYS B 24 -30.32 -10.31 10.76
C LYS B 24 -29.62 -9.42 9.74
N TYR B 25 -30.30 -9.21 8.62
CA TYR B 25 -29.91 -8.21 7.62
C TYR B 25 -30.91 -7.07 7.77
N VAL B 26 -30.42 -5.91 8.22
CA VAL B 26 -31.27 -4.79 8.60
C VAL B 26 -31.12 -3.70 7.55
N VAL B 27 -32.24 -3.28 6.96
CA VAL B 27 -32.25 -2.19 5.99
C VAL B 27 -32.32 -0.88 6.77
N LEU B 28 -31.21 -0.14 6.77
CA LEU B 28 -31.01 1.00 7.63
C LEU B 28 -29.73 1.70 7.22
N ASP B 29 -29.66 3.02 7.46
CA ASP B 29 -28.44 3.75 7.23
C ASP B 29 -27.32 3.18 8.10
N SER B 30 -26.12 3.09 7.54
CA SER B 30 -25.02 2.44 8.24
CA SER B 30 -25.02 2.44 8.24
C SER B 30 -24.69 3.15 9.55
N LEU B 31 -24.61 4.48 9.52
CA LEU B 31 -24.25 5.21 10.72
C LEU B 31 -25.34 5.08 11.79
N GLU B 32 -26.61 5.08 11.37
CA GLU B 32 -27.69 4.88 12.33
C GLU B 32 -27.63 3.50 12.97
N GLY B 33 -27.31 2.47 12.17
CA GLY B 33 -27.20 1.13 12.73
C GLY B 33 -26.04 0.99 13.69
N LEU B 34 -24.88 1.55 13.35
CA LEU B 34 -23.73 1.49 14.24
C LEU B 34 -24.03 2.19 15.57
N ARG B 35 -24.75 3.31 15.52
CA ARG B 35 -25.07 4.05 16.72
C ARG B 35 -26.08 3.33 17.60
N SER B 36 -26.85 2.39 17.04
CA SER B 36 -27.76 1.60 17.86
C SER B 36 -27.06 0.44 18.56
N LEU B 37 -25.86 0.08 18.12
CA LEU B 37 -25.15 -1.02 18.75
C LEU B 37 -24.50 -0.56 20.05
N PRO B 38 -24.48 -1.41 21.08
CA PRO B 38 -23.82 -1.05 22.34
C PRO B 38 -22.31 -1.16 22.23
N ASP B 39 -21.64 -0.59 23.22
CA ASP B 39 -20.18 -0.64 23.27
C ASP B 39 -19.70 -2.07 23.44
N ASN B 40 -18.52 -2.36 22.88
CA ASN B 40 -17.81 -3.62 23.10
C ASN B 40 -18.71 -4.82 22.81
N SER B 41 -19.38 -4.79 21.66
CA SER B 41 -20.38 -5.79 21.35
C SER B 41 -20.15 -6.54 20.04
N VAL B 42 -19.14 -6.16 19.25
CA VAL B 42 -18.86 -6.79 17.98
C VAL B 42 -17.41 -7.25 17.98
N GLN B 43 -17.19 -8.53 17.66
CA GLN B 43 -15.84 -9.07 17.63
C GLN B 43 -15.12 -8.82 16.33
N CYS B 44 -15.83 -8.81 15.20
CA CYS B 44 -15.18 -8.71 13.90
C CYS B 44 -16.07 -7.93 12.94
N VAL B 45 -15.47 -7.00 12.21
CA VAL B 45 -16.14 -6.27 11.13
C VAL B 45 -15.39 -6.57 9.83
N VAL B 46 -16.15 -6.97 8.81
CA VAL B 46 -15.64 -7.10 7.45
C VAL B 46 -16.57 -6.30 6.55
N THR B 47 -16.00 -5.38 5.76
CA THR B 47 -16.85 -4.51 4.97
C THR B 47 -16.06 -3.91 3.82
N SER B 48 -16.79 -3.53 2.77
CA SER B 48 -16.26 -2.77 1.65
C SER B 48 -17.22 -1.61 1.42
N PRO B 49 -16.87 -0.40 1.85
CA PRO B 49 -17.81 0.73 1.80
C PRO B 49 -18.09 1.16 0.37
N PRO B 50 -19.23 1.79 0.13
CA PRO B 50 -19.58 2.25 -1.21
C PRO B 50 -18.81 3.52 -1.57
N TYR B 51 -19.06 4.01 -2.78
CA TYR B 51 -18.44 5.26 -3.23
C TYR B 51 -19.15 6.47 -2.64
N ASN B 52 -20.48 6.39 -2.48
CA ASN B 52 -21.29 7.47 -1.97
C ASN B 52 -22.55 6.87 -1.37
N LYS B 53 -23.24 7.67 -0.54
CA LYS B 53 -24.46 7.25 0.13
C LYS B 53 -25.47 6.71 -0.87
N MET B 75 -20.04 12.52 -4.45
CA MET B 75 -19.68 13.12 -3.17
C MET B 75 -18.45 14.03 -3.27
N ASN B 76 -18.45 15.11 -2.50
CA ASN B 76 -17.24 15.87 -2.28
C ASN B 76 -16.26 15.03 -1.46
N GLU B 77 -14.96 15.22 -1.74
CA GLU B 77 -13.93 14.43 -1.07
C GLU B 77 -13.96 14.67 0.44
N ASP B 78 -14.08 15.93 0.86
CA ASP B 78 -14.16 16.24 2.28
C ASP B 78 -15.40 15.63 2.94
N ASP B 79 -16.56 15.70 2.27
CA ASP B 79 -17.77 15.10 2.82
C ASP B 79 -17.62 13.60 3.01
N TYR B 80 -17.02 12.92 2.03
CA TYR B 80 -16.86 11.48 2.11
C TYR B 80 -15.90 11.08 3.23
N GLN B 81 -14.85 11.86 3.44
CA GLN B 81 -13.85 11.51 4.45
C GLN B 81 -14.44 11.55 5.86
N LYS B 82 -15.13 12.64 6.20
CA LYS B 82 -15.71 12.74 7.54
C LYS B 82 -16.84 11.73 7.74
N TRP B 83 -17.64 11.45 6.69
CA TRP B 83 -18.66 10.42 6.81
C TRP B 83 -18.03 9.06 7.11
N GLN B 84 -17.02 8.68 6.32
CA GLN B 84 -16.27 7.47 6.63
C GLN B 84 -15.55 7.58 7.96
N LEU B 85 -15.23 8.80 8.41
CA LEU B 85 -14.59 8.98 9.70
C LEU B 85 -15.56 8.70 10.84
N GLN B 86 -16.82 9.11 10.69
CA GLN B 86 -17.83 8.77 11.69
C GLN B 86 -18.08 7.26 11.72
N ILE B 87 -18.07 6.61 10.55
CA ILE B 87 -18.26 5.17 10.49
C ILE B 87 -17.14 4.46 11.25
N LEU B 88 -15.90 4.85 11.01
CA LEU B 88 -14.77 4.20 11.66
C LEU B 88 -14.77 4.44 13.16
N ASN B 89 -15.08 5.68 13.58
CA ASN B 89 -15.10 5.99 15.01
C ASN B 89 -16.18 5.19 15.72
N GLU B 90 -17.34 5.01 15.08
CA GLU B 90 -18.37 4.14 15.66
C GLU B 90 -17.88 2.70 15.74
N ILE B 91 -17.18 2.23 14.71
CA ILE B 91 -16.66 0.85 14.72
C ILE B 91 -15.69 0.66 15.87
N ASN B 92 -14.88 1.68 16.17
CA ASN B 92 -13.97 1.59 17.31
C ASN B 92 -14.74 1.45 18.62
N ARG B 93 -15.86 2.17 18.75
CA ARG B 93 -16.67 2.06 19.96
C ARG B 93 -17.31 0.69 20.09
N ILE B 94 -17.85 0.15 19.00
CA ILE B 94 -18.63 -1.09 19.08
C ILE B 94 -17.75 -2.32 19.10
N LEU B 95 -16.49 -2.22 18.68
CA LEU B 95 -15.60 -3.38 18.71
C LEU B 95 -15.32 -3.81 20.14
N LYS B 96 -15.20 -5.11 20.35
CA LYS B 96 -14.71 -5.61 21.62
C LYS B 96 -13.19 -5.42 21.68
N PRO B 97 -12.63 -5.27 22.88
CA PRO B 97 -11.16 -5.25 22.99
C PRO B 97 -10.57 -6.52 22.39
N GLY B 98 -9.55 -6.34 21.56
CA GLY B 98 -9.05 -7.42 20.74
C GLY B 98 -9.83 -7.65 19.47
N GLY B 99 -10.90 -6.89 19.23
CA GLY B 99 -11.65 -7.05 18.01
C GLY B 99 -10.92 -6.50 16.80
N SER B 100 -11.39 -6.90 15.62
CA SER B 100 -10.78 -6.53 14.36
C SER B 100 -11.83 -5.99 13.40
N ALA B 101 -11.43 -5.02 12.59
CA ALA B 101 -12.23 -4.51 11.49
C ALA B 101 -11.41 -4.61 10.22
N PHE B 102 -11.94 -5.29 9.21
CA PHE B 102 -11.29 -5.44 7.92
C PHE B 102 -12.04 -4.59 6.91
N TYR B 103 -11.34 -3.64 6.30
CA TYR B 103 -11.95 -2.53 5.57
C TYR B 103 -11.37 -2.52 4.15
N ASN B 104 -12.12 -3.06 3.20
CA ASN B 104 -11.67 -3.14 1.82
C ASN B 104 -12.04 -1.87 1.08
N HIS B 105 -11.05 -1.24 0.44
CA HIS B 105 -11.23 0.05 -0.19
C HIS B 105 -10.78 -0.02 -1.65
N LYS B 106 -11.63 0.46 -2.56
CA LYS B 106 -11.19 0.79 -3.91
C LYS B 106 -11.62 2.21 -4.23
N PRO B 116 -5.08 8.78 -1.92
CA PRO B 116 -4.40 8.70 -0.62
C PRO B 116 -5.34 8.32 0.52
N PRO B 117 -5.89 7.11 0.48
CA PRO B 117 -6.85 6.72 1.54
C PRO B 117 -6.27 6.80 2.93
N GLU B 118 -4.99 6.43 3.09
CA GLU B 118 -4.37 6.40 4.40
C GLU B 118 -4.28 7.78 5.04
N LYS B 119 -4.39 8.85 4.25
CA LYS B 119 -4.26 10.19 4.80
C LYS B 119 -5.34 10.49 5.84
N PHE B 120 -6.59 10.08 5.57
CA PHE B 120 -7.67 10.35 6.50
C PHE B 120 -7.99 9.18 7.42
N LEU B 121 -7.70 7.95 7.00
CA LEU B 121 -7.94 6.79 7.86
C LEU B 121 -7.10 6.85 9.13
N SER B 122 -5.99 7.60 9.12
CA SER B 122 -5.18 7.76 10.32
C SER B 122 -5.89 8.56 11.40
N ASP B 123 -6.90 9.36 11.03
CA ASP B 123 -7.49 10.33 11.95
C ASP B 123 -8.61 9.75 12.80
N SER B 124 -8.92 8.46 12.68
CA SER B 124 -9.99 7.86 13.45
CA SER B 124 -9.99 7.86 13.45
C SER B 124 -9.47 7.26 14.75
N ASP B 125 -10.41 6.91 15.64
CA ASP B 125 -10.04 6.24 16.88
C ASP B 125 -9.50 4.83 16.63
N LEU B 126 -9.87 4.22 15.51
CA LEU B 126 -9.31 2.92 15.15
C LEU B 126 -7.81 3.04 14.90
N GLU B 127 -7.07 2.02 15.31
CA GLU B 127 -5.65 1.90 15.02
C GLU B 127 -5.47 1.02 13.79
N LEU B 128 -4.75 1.53 12.79
CA LEU B 128 -4.38 0.70 11.66
C LEU B 128 -3.30 -0.29 12.10
N TYR B 129 -3.57 -1.58 11.89
CA TYR B 129 -2.69 -2.64 12.37
C TYR B 129 -1.83 -3.22 11.27
N GLN B 130 -2.43 -3.55 10.13
CA GLN B 130 -1.68 -4.04 8.98
C GLN B 130 -2.50 -3.78 7.73
N THR B 131 -1.81 -3.55 6.62
CA THR B 131 -2.46 -3.38 5.33
C THR B 131 -2.30 -4.67 4.54
N ILE B 132 -3.41 -5.32 4.25
CA ILE B 132 -3.41 -6.59 3.52
C ILE B 132 -3.59 -6.29 2.04
N ILE B 133 -2.86 -7.02 1.20
CA ILE B 133 -2.88 -6.82 -0.24
C ILE B 133 -3.76 -7.90 -0.85
N TRP B 134 -4.90 -7.51 -1.41
CA TRP B 134 -5.76 -8.43 -2.13
C TRP B 134 -5.35 -8.41 -3.60
N ASP B 135 -4.77 -9.51 -4.06
CA ASP B 135 -4.43 -9.69 -5.47
C ASP B 135 -5.61 -10.38 -6.15
N ARG B 136 -6.30 -9.65 -7.01
CA ARG B 136 -7.45 -10.19 -7.73
C ARG B 136 -7.04 -11.08 -8.89
N GLY B 137 -5.76 -11.18 -9.19
CA GLY B 137 -5.26 -12.05 -10.25
C GLY B 137 -5.16 -11.41 -11.61
N SER B 138 -6.27 -10.82 -12.10
CA SER B 138 -6.30 -10.22 -13.42
C SER B 138 -7.14 -8.94 -13.35
N THR B 139 -7.02 -8.13 -14.39
CA THR B 139 -7.81 -6.92 -14.50
C THR B 139 -8.08 -6.63 -15.97
N VAL B 140 -9.29 -6.12 -16.25
CA VAL B 140 -9.63 -5.70 -17.60
C VAL B 140 -9.04 -4.35 -17.97
N ASN B 141 -8.54 -3.62 -16.98
CA ASN B 141 -7.89 -2.32 -17.22
C ASN B 141 -6.46 -2.58 -17.65
N GLN B 142 -6.27 -2.67 -18.97
CA GLN B 142 -4.95 -2.89 -19.56
C GLN B 142 -4.33 -1.59 -20.06
N ASN B 143 -4.86 -0.44 -19.66
CA ASN B 143 -4.27 0.84 -19.97
C ASN B 143 -2.79 0.84 -19.62
N ALA B 144 -1.94 1.23 -20.58
CA ALA B 144 -0.50 1.11 -20.45
C ALA B 144 0.14 2.34 -19.82
N ARG B 145 -0.64 3.24 -19.21
CA ARG B 145 -0.09 4.39 -18.52
C ARG B 145 0.46 4.04 -17.14
N TYR B 146 0.23 2.83 -16.65
CA TYR B 146 0.65 2.42 -15.32
C TYR B 146 0.75 0.91 -15.30
N PHE B 147 1.26 0.39 -14.19
CA PHE B 147 1.29 -1.05 -14.00
C PHE B 147 -0.13 -1.58 -13.78
N ARG B 148 -0.35 -2.81 -14.23
CA ARG B 148 -1.70 -3.38 -14.23
C ARG B 148 -2.29 -3.36 -12.83
N PRO B 149 -3.37 -2.62 -12.60
CA PRO B 149 -3.92 -2.41 -11.25
C PRO B 149 -4.90 -3.48 -10.82
N TYR B 150 -4.37 -4.66 -10.48
CA TYR B 150 -5.19 -5.79 -10.04
C TYR B 150 -5.12 -6.01 -8.54
N VAL B 151 -4.80 -4.97 -7.77
CA VAL B 151 -4.64 -5.07 -6.32
C VAL B 151 -5.61 -4.10 -5.65
N GLU B 152 -6.28 -4.58 -4.61
CA GLU B 152 -7.03 -3.72 -3.70
C GLU B 152 -6.50 -3.91 -2.29
N LYS B 153 -6.61 -2.86 -1.48
CA LYS B 153 -6.14 -2.88 -0.11
C LYS B 153 -7.26 -3.33 0.83
N ILE B 154 -6.88 -4.12 1.83
CA ILE B 154 -7.77 -4.49 2.93
C ILE B 154 -7.10 -3.98 4.19
N PHE B 155 -7.60 -2.87 4.73
CA PHE B 155 -7.03 -2.31 5.95
C PHE B 155 -7.53 -3.08 7.15
N TRP B 156 -6.59 -3.57 7.96
CA TRP B 156 -6.90 -4.34 9.17
C TRP B 156 -6.78 -3.39 10.35
N PHE B 157 -7.91 -3.03 10.93
CA PHE B 157 -7.95 -2.14 12.09
C PHE B 157 -8.17 -2.95 13.36
N THR B 158 -7.76 -2.35 14.48
CA THR B 158 -7.96 -2.93 15.79
C THR B 158 -8.39 -1.83 16.75
N LYS B 159 -9.07 -2.22 17.82
CA LYS B 159 -9.68 -1.24 18.71
C LYS B 159 -8.62 -0.57 19.58
N SER B 160 -8.84 0.72 19.86
CA SER B 160 -8.04 1.45 20.83
C SER B 160 -8.91 1.80 22.05
N ILE B 161 -8.40 1.48 23.24
CA ILE B 161 -9.00 1.88 24.51
C ILE B 161 -8.21 3.06 25.04
N SER B 162 -8.89 4.21 25.16
CA SER B 162 -8.31 5.38 25.80
C SER B 162 -6.99 5.76 25.15
N GLY B 163 -6.95 5.64 23.83
CA GLY B 163 -5.79 6.02 23.06
C GLY B 163 -4.64 5.04 23.06
N GLU B 164 -4.79 3.86 23.68
CA GLU B 164 -3.76 2.84 23.74
C GLU B 164 -4.10 1.69 22.79
N SER B 165 -3.06 1.15 22.16
CA SER B 165 -3.25 0.17 21.08
C SER B 165 -3.39 -1.23 21.66
N THR B 166 -4.49 -1.90 21.32
CA THR B 166 -4.62 -3.31 21.68
C THR B 166 -3.94 -4.17 20.64
N THR B 167 -3.85 -5.46 20.95
CA THR B 167 -3.38 -6.48 20.04
C THR B 167 -4.57 -7.34 19.63
N PRO B 168 -4.85 -7.48 18.34
CA PRO B 168 -6.06 -8.21 17.93
C PRO B 168 -5.96 -9.69 18.22
N LYS B 169 -7.06 -10.27 18.67
CA LYS B 169 -7.20 -11.72 18.66
C LYS B 169 -7.01 -12.21 17.24
N PHE B 170 -6.06 -13.13 17.05
CA PHE B 170 -5.67 -13.53 15.70
C PHE B 170 -5.05 -14.91 15.74
N HIS B 171 -5.62 -15.84 14.97
CA HIS B 171 -5.16 -17.22 14.94
C HIS B 171 -4.78 -17.57 13.50
N ARG B 172 -3.54 -17.23 13.13
CA ARG B 172 -3.06 -17.48 11.78
C ARG B 172 -2.91 -18.97 11.50
N ASP B 173 -2.78 -19.79 12.54
CA ASP B 173 -2.67 -21.23 12.38
C ASP B 173 -3.91 -21.86 11.75
N ARG B 174 -5.05 -21.16 11.80
CA ARG B 174 -6.30 -21.72 11.29
C ARG B 174 -6.40 -21.66 9.78
N LEU B 175 -5.46 -21.01 9.11
CA LEU B 175 -5.48 -20.82 7.67
C LEU B 175 -4.55 -21.82 6.98
N PRO B 176 -4.85 -22.18 5.74
CA PRO B 176 -3.85 -22.87 4.92
C PRO B 176 -2.70 -21.92 4.62
N GLU B 177 -1.55 -22.52 4.29
CA GLU B 177 -0.35 -21.73 4.02
C GLU B 177 -0.58 -20.69 2.94
N TYR B 178 -1.49 -20.98 1.99
CA TYR B 178 -1.74 -20.07 0.88
C TYR B 178 -2.16 -18.69 1.35
N PHE B 179 -2.77 -18.59 2.53
CA PHE B 179 -3.33 -17.33 3.02
C PHE B 179 -2.64 -16.80 4.27
N LYS B 180 -1.54 -17.41 4.71
CA LYS B 180 -0.85 -16.92 5.90
C LYS B 180 -0.05 -15.65 5.64
N GLY B 181 0.15 -15.27 4.37
CA GLY B 181 0.93 -14.11 4.04
C GLY B 181 0.09 -12.86 3.80
N VAL B 182 0.79 -11.73 3.67
CA VAL B 182 0.13 -10.43 3.54
C VAL B 182 -0.46 -10.22 2.16
N ILE B 183 -0.18 -11.09 1.20
CA ILE B 183 -0.81 -11.05 -0.11
C ILE B 183 -1.79 -12.21 -0.21
N TRP B 184 -3.05 -11.90 -0.47
CA TRP B 184 -4.08 -12.91 -0.72
C TRP B 184 -4.42 -12.89 -2.20
N ARG B 185 -4.27 -14.02 -2.87
CA ARG B 185 -4.61 -14.16 -4.28
C ARG B 185 -5.99 -14.80 -4.37
N ILE B 186 -7.02 -13.96 -4.49
CA ILE B 186 -8.41 -14.41 -4.51
C ILE B 186 -9.12 -13.82 -5.72
N PRO B 187 -9.48 -14.64 -6.71
CA PRO B 187 -10.12 -14.11 -7.93
C PRO B 187 -11.54 -13.63 -7.64
N PRO B 188 -12.10 -12.79 -8.52
CA PRO B 188 -13.46 -12.31 -8.31
C PRO B 188 -14.48 -13.43 -8.32
N ASP B 189 -15.57 -13.22 -7.56
CA ASP B 189 -16.69 -14.16 -7.53
C ASP B 189 -17.69 -13.71 -8.60
N LYS B 190 -17.71 -14.43 -9.72
CA LYS B 190 -18.54 -14.05 -10.86
C LYS B 190 -20.03 -14.37 -10.66
N ARG B 191 -20.35 -15.34 -9.81
CA ARG B 191 -21.75 -15.72 -9.60
C ARG B 191 -22.51 -14.75 -8.70
N ASN B 192 -21.82 -13.80 -8.08
CA ASN B 192 -22.48 -12.85 -7.20
C ASN B 192 -23.33 -11.87 -8.00
N LYS B 193 -24.54 -11.62 -7.52
CA LYS B 193 -25.47 -10.74 -8.22
C LYS B 193 -25.25 -9.26 -7.91
N HIS B 194 -24.41 -8.92 -6.92
CA HIS B 194 -24.17 -7.52 -6.57
C HIS B 194 -23.23 -6.88 -7.59
N PRO B 195 -23.40 -5.57 -7.85
CA PRO B 195 -22.51 -4.89 -8.79
C PRO B 195 -21.04 -4.87 -8.38
N ALA B 196 -20.74 -4.82 -7.08
CA ALA B 196 -19.36 -4.69 -6.61
C ALA B 196 -19.21 -5.40 -5.27
N PRO B 197 -19.19 -6.74 -5.28
CA PRO B 197 -19.01 -7.51 -4.04
C PRO B 197 -17.56 -7.83 -3.72
N PHE B 198 -17.31 -8.65 -2.69
CA PHE B 198 -16.06 -9.38 -2.56
C PHE B 198 -16.37 -10.86 -2.32
N PRO B 199 -15.41 -11.74 -2.57
CA PRO B 199 -15.70 -13.19 -2.48
C PRO B 199 -15.90 -13.66 -1.05
N ALA B 200 -16.63 -14.77 -0.92
CA ALA B 200 -16.93 -15.33 0.40
C ALA B 200 -15.67 -15.75 1.13
N ILE B 201 -14.68 -16.28 0.40
CA ILE B 201 -13.47 -16.76 1.05
C ILE B 201 -12.65 -15.61 1.62
N LEU B 202 -12.81 -14.40 1.08
CA LEU B 202 -12.16 -13.24 1.67
C LEU B 202 -12.68 -12.98 3.08
N ALA B 203 -14.01 -12.92 3.23
CA ALA B 203 -14.59 -12.74 4.56
C ALA B 203 -14.28 -13.93 5.46
N GLU B 204 -14.19 -15.14 4.89
CA GLU B 204 -13.89 -16.32 5.69
C GLU B 204 -12.54 -16.19 6.37
N ILE B 205 -11.53 -15.71 5.65
CA ILE B 205 -10.19 -15.56 6.22
C ILE B 205 -10.22 -14.59 7.39
N CYS B 206 -10.90 -13.45 7.22
CA CYS B 206 -10.98 -12.45 8.28
C CYS B 206 -11.71 -13.00 9.49
N ILE B 207 -12.87 -13.64 9.27
CA ILE B 207 -13.70 -14.11 10.39
C ILE B 207 -12.99 -15.23 11.14
N LEU B 208 -12.51 -16.23 10.41
CA LEU B 208 -12.01 -17.45 11.05
C LEU B 208 -10.79 -17.17 11.93
N THR B 209 -9.98 -16.17 11.57
CA THR B 209 -8.77 -15.90 12.33
C THR B 209 -9.00 -15.02 13.55
N THR B 210 -10.13 -14.32 13.63
CA THR B 210 -10.33 -13.35 14.70
C THR B 210 -11.55 -13.64 15.57
N THR B 211 -12.17 -14.80 15.43
CA THR B 211 -13.41 -15.08 16.14
C THR B 211 -13.44 -16.51 16.64
N GLU B 212 -14.35 -16.75 17.60
CA GLU B 212 -14.80 -18.07 17.98
C GLU B 212 -16.23 -18.26 17.49
N GLU B 213 -16.70 -19.51 17.55
CA GLU B 213 -18.08 -19.78 17.20
C GLU B 213 -19.01 -19.03 18.15
N GLY B 214 -20.05 -18.41 17.58
CA GLY B 214 -20.99 -17.63 18.35
C GLY B 214 -20.69 -16.15 18.41
N ASP B 215 -19.47 -15.74 18.08
CA ASP B 215 -19.13 -14.31 18.07
C ASP B 215 -19.91 -13.59 16.97
N LEU B 216 -20.14 -12.30 17.20
CA LEU B 216 -20.90 -11.48 16.26
C LEU B 216 -19.97 -10.88 15.21
N VAL B 217 -20.33 -11.05 13.95
CA VAL B 217 -19.64 -10.45 12.82
C VAL B 217 -20.57 -9.42 12.19
N LEU B 218 -20.04 -8.22 11.94
CA LEU B 218 -20.83 -7.12 11.41
C LEU B 218 -20.31 -6.67 10.06
N ASP B 219 -21.23 -6.43 9.11
CA ASP B 219 -20.93 -5.73 7.87
C ASP B 219 -21.92 -4.59 7.75
N PRO B 220 -21.50 -3.35 8.01
CA PRO B 220 -22.42 -2.21 7.91
C PRO B 220 -22.67 -1.72 6.49
N PHE B 221 -22.14 -2.42 5.49
CA PHE B 221 -22.38 -2.16 4.08
C PHE B 221 -22.63 -3.49 3.36
N ALA B 222 -23.60 -4.26 3.89
CA ALA B 222 -23.69 -5.69 3.63
C ALA B 222 -23.84 -6.04 2.16
N GLY B 223 -24.56 -5.23 1.38
CA GLY B 223 -24.74 -5.55 -0.03
C GLY B 223 -25.40 -6.90 -0.22
N SER B 224 -24.75 -7.76 -1.00
CA SER B 224 -25.26 -9.10 -1.25
C SER B 224 -25.21 -9.99 -0.01
N GLY B 225 -24.60 -9.54 1.07
CA GLY B 225 -24.51 -10.33 2.28
C GLY B 225 -23.36 -11.30 2.31
N THR B 226 -22.27 -11.01 1.60
CA THR B 226 -21.14 -11.93 1.53
C THR B 226 -20.56 -12.18 2.92
N THR B 227 -20.35 -11.11 3.70
CA THR B 227 -19.83 -11.28 5.05
C THR B 227 -20.77 -12.12 5.90
N LEU B 228 -22.08 -11.89 5.75
CA LEU B 228 -23.06 -12.62 6.55
C LEU B 228 -23.08 -14.10 6.19
N VAL B 229 -22.99 -14.42 4.90
CA VAL B 229 -22.99 -15.82 4.49
C VAL B 229 -21.76 -16.53 5.00
N ALA B 230 -20.60 -15.87 4.95
CA ALA B 230 -19.37 -16.47 5.46
C ALA B 230 -19.46 -16.74 6.95
N ALA B 231 -19.96 -15.77 7.72
CA ALA B 231 -20.10 -15.94 9.16
C ALA B 231 -21.01 -17.12 9.48
N ALA B 232 -22.17 -17.18 8.82
CA ALA B 232 -23.12 -18.26 9.09
C ALA B 232 -22.52 -19.62 8.72
N SER B 233 -21.81 -19.70 7.60
CA SER B 233 -21.16 -20.94 7.22
C SER B 233 -20.13 -21.38 8.26
N LEU B 234 -19.59 -20.43 9.02
CA LEU B 234 -18.56 -20.69 10.02
C LEU B 234 -19.13 -20.78 11.44
N LYS B 235 -20.46 -20.82 11.58
CA LYS B 235 -21.14 -20.91 12.87
C LYS B 235 -20.85 -19.71 13.76
N ARG B 236 -20.61 -18.56 13.15
CA ARG B 236 -20.59 -17.28 13.85
C ARG B 236 -21.94 -16.58 13.64
N SER B 237 -22.27 -15.71 14.59
CA SER B 237 -23.44 -14.86 14.41
C SER B 237 -23.09 -13.73 13.45
N TYR B 238 -24.13 -13.12 12.87
CA TYR B 238 -23.89 -12.08 11.87
C TYR B 238 -24.91 -10.96 12.02
N LEU B 239 -24.54 -9.80 11.46
CA LEU B 239 -25.42 -8.65 11.41
C LEU B 239 -24.98 -7.78 10.23
N GLY B 240 -25.94 -7.37 9.42
CA GLY B 240 -25.66 -6.53 8.28
C GLY B 240 -26.55 -5.30 8.28
N PHE B 241 -25.99 -4.21 7.76
CA PHE B 241 -26.73 -2.98 7.50
C PHE B 241 -26.55 -2.60 6.04
N ASP B 242 -27.65 -2.19 5.41
CA ASP B 242 -27.61 -1.68 4.05
C ASP B 242 -28.86 -0.84 3.85
N ILE B 243 -28.79 0.10 2.90
CA ILE B 243 -29.95 0.93 2.60
C ILE B 243 -30.85 0.31 1.54
N SER B 244 -30.44 -0.81 0.94
CA SER B 244 -31.15 -1.40 -0.18
C SER B 244 -31.95 -2.60 0.30
N SER B 245 -33.26 -2.48 0.27
CA SER B 245 -34.11 -3.64 0.50
C SER B 245 -34.02 -4.64 -0.64
N LYS B 246 -33.57 -4.19 -1.82
CA LYS B 246 -33.28 -5.11 -2.91
C LYS B 246 -32.14 -6.05 -2.56
N TYR B 247 -31.09 -5.52 -1.93
CA TYR B 247 -29.96 -6.37 -1.53
C TYR B 247 -30.30 -7.21 -0.30
N GLN B 248 -31.17 -6.71 0.58
CA GLN B 248 -31.65 -7.54 1.69
C GLN B 248 -32.38 -8.77 1.16
N LYS B 249 -33.25 -8.56 0.17
CA LYS B 249 -33.93 -9.69 -0.48
C LYS B 249 -32.92 -10.59 -1.18
N MET B 250 -31.91 -10.00 -1.83
CA MET B 250 -30.87 -10.78 -2.47
C MET B 250 -30.18 -11.69 -1.46
N PHE B 251 -29.84 -11.17 -0.28
CA PHE B 251 -29.21 -11.98 0.75
C PHE B 251 -30.15 -13.07 1.25
N HIS B 252 -31.42 -12.73 1.48
CA HIS B 252 -32.37 -13.71 2.00
C HIS B 252 -32.51 -14.89 1.05
N GLN B 253 -32.56 -14.62 -0.26
CA GLN B 253 -32.69 -15.70 -1.23
C GLN B 253 -31.37 -16.45 -1.45
N ARG B 254 -30.24 -15.74 -1.38
CA ARG B 254 -28.95 -16.40 -1.43
C ARG B 254 -28.80 -17.39 -0.29
N LEU B 255 -29.23 -16.99 0.91
CA LEU B 255 -29.22 -17.89 2.06
C LEU B 255 -30.06 -19.12 1.82
N ALA B 256 -31.19 -18.97 1.11
CA ALA B 256 -32.12 -20.08 0.91
C ALA B 256 -31.66 -21.04 -0.18
N THR B 257 -30.99 -20.54 -1.23
CA THR B 257 -30.76 -21.32 -2.44
C THR B 257 -29.42 -22.04 -2.48
N SER B 258 -28.55 -21.85 -1.49
CA SER B 258 -27.22 -22.44 -1.52
C SER B 258 -26.97 -23.26 -0.25
N LYS B 259 -26.35 -24.42 -0.43
CA LYS B 259 -25.91 -25.20 0.73
C LYS B 259 -24.81 -24.45 1.48
N SER B 260 -24.75 -24.68 2.79
CA SER B 260 -23.94 -23.87 3.70
C SER B 260 -22.47 -24.25 3.56
N LYS B 261 -21.85 -23.75 2.50
CA LYS B 261 -20.50 -24.16 2.11
C LYS B 261 -19.43 -23.31 2.79
N VAL B 262 -18.33 -23.96 3.15
CA VAL B 262 -17.13 -23.28 3.64
C VAL B 262 -16.03 -23.44 2.60
N HIS B 263 -15.45 -22.31 2.18
CA HIS B 263 -14.46 -22.35 1.11
C HIS B 263 -13.05 -22.62 1.62
N LEU B 264 -12.70 -22.09 2.79
CA LEU B 264 -11.39 -22.37 3.37
C LEU B 264 -11.21 -23.86 3.65
N TRP B 265 -10.00 -24.34 3.46
CA TRP B 265 -9.68 -25.75 3.61
C TRP B 265 -8.64 -25.95 4.71
N LEU B 266 -8.53 -27.18 5.18
CA LEU B 266 -7.56 -27.54 6.21
C LEU B 266 -6.32 -28.17 5.59
N SFG C . 19.15 1.20 -1.99
CA SFG C . 20.54 1.26 -1.50
C SFG C . 21.33 0.06 -2.01
O SFG C . 20.91 -0.70 -2.83
OXT SFG C . 22.50 -0.06 -1.45
CB SFG C . 20.60 1.32 0.02
CG SFG C . 20.12 2.65 0.61
CD SFG C . 20.26 2.72 2.13
NE SFG C . 19.31 1.83 2.80
C5' SFG C . 20.12 4.15 2.67
C4' SFG C . 21.41 4.95 2.61
O4' SFG C . 21.18 6.32 3.02
C3' SFG C . 22.56 4.42 3.47
O3' SFG C . 23.61 3.94 2.65
C2' SFG C . 23.00 5.65 4.31
O2' SFG C . 24.42 5.74 4.37
C1' SFG C . 22.41 6.80 3.50
N9 SFG C . 22.18 8.03 4.25
C8 SFG C . 21.82 8.15 5.57
N7 SFG C . 21.69 9.39 5.98
C5 SFG C . 21.97 10.15 4.84
C6 SFG C . 21.99 11.53 4.59
N6 SFG C . 21.71 12.45 5.50
N1 SFG C . 22.31 11.94 3.34
C2 SFG C . 22.59 11.01 2.42
N3 SFG C . 22.59 9.69 2.53
C4 SFG C . 22.29 9.31 3.77
C1 EDO D . 20.38 1.13 5.83
O1 EDO D . 21.08 2.31 6.24
C2 EDO D . 18.96 1.19 6.34
O2 EDO D . 18.59 2.56 6.58
C1 EDO E . -1.84 -0.38 -4.04
O1 EDO E . -2.97 0.49 -3.89
C2 EDO E . -1.72 -0.81 -5.49
O2 EDO E . -1.49 0.34 -6.31
C1 EDO F . 25.29 8.36 -21.46
O1 EDO F . 25.45 8.42 -22.89
C2 EDO F . 26.56 7.83 -20.82
O2 EDO F . 26.69 8.37 -19.50
C1 EDO G . 18.34 -6.33 -1.17
O1 EDO G . 18.90 -6.80 -2.40
C2 EDO G . 16.84 -6.46 -1.28
O2 EDO G . 16.40 -7.10 -0.08
C1 EDO H . 32.94 11.42 -7.21
O1 EDO H . 33.07 10.00 -7.04
C2 EDO H . 32.88 12.08 -5.85
O2 EDO H . 32.94 13.51 -6.02
C1 EDO I . -3.54 4.46 -9.63
O1 EDO I . -2.56 4.33 -10.66
C2 EDO I . -4.91 4.68 -10.27
O2 EDO I . -4.94 4.04 -11.55
C1 EDO J . 10.05 0.35 -26.53
O1 EDO J . 9.61 1.64 -26.09
C2 EDO J . 11.32 0.45 -27.36
O2 EDO J . 12.42 0.01 -26.56
N SFG K . -19.20 -6.35 0.09
CA SFG K . -20.60 -6.32 -0.36
C SFG K . -20.97 -7.60 -1.10
O SFG K . -20.27 -8.59 -1.11
OXT SFG K . -22.11 -7.51 -1.72
CB SFG K . -20.89 -5.12 -1.25
CG SFG K . -20.86 -3.76 -0.54
CD SFG K . -21.11 -2.58 -1.47
NE SFG K . -19.96 -2.33 -2.34
C5' SFG K . -21.52 -1.30 -0.74
C4' SFG K . -22.97 -1.29 -0.25
O4' SFG K . -23.20 -0.16 0.60
C3' SFG K . -24.03 -1.23 -1.36
O3' SFG K . -24.75 -2.46 -1.47
C2' SFG K . -24.95 -0.06 -0.95
O2' SFG K . -26.32 -0.41 -1.06
C1' SFG K . -24.57 0.16 0.52
N9 SFG K . -24.75 1.53 0.98
C8 SFG K . -24.60 2.69 0.27
N7 SFG K . -24.79 3.78 0.97
C5 SFG K . -25.11 3.31 2.23
C6 SFG K . -25.45 3.96 3.44
N6 SFG K . -25.49 5.30 3.57
N1 SFG K . -25.74 3.20 4.50
C2 SFG K . -25.70 1.87 4.37
N3 SFG K . -25.38 1.15 3.30
C4 SFG K . -25.10 1.93 2.25
C1 EDO L . -25.52 -13.88 -4.82
O1 EDO L . -25.23 -12.54 -4.39
C2 EDO L . -27.03 -14.06 -4.90
O2 EDO L . -27.35 -15.43 -5.13
C1 EDO M . -15.47 -9.10 -6.88
O1 EDO M . -14.09 -9.12 -6.54
C2 EDO M . -16.26 -10.00 -5.91
O2 EDO M . -16.14 -11.39 -6.23
C1 EDO N . -15.63 -0.98 -3.77
O1 EDO N . -14.91 -2.20 -3.61
C2 EDO N . -17.11 -1.22 -3.53
O2 EDO N . -17.36 -1.38 -2.13
C1 EDO O . 1.90 -4.47 3.52
O1 EDO O . 1.23 -4.44 4.78
C2 EDO O . 1.96 -3.06 2.95
O2 EDO O . 2.65 -2.20 3.86
C1 EDO P . -3.04 -9.05 -15.96
O1 EDO P . -4.34 -8.47 -15.79
C2 EDO P . -2.48 -9.45 -14.61
O2 EDO P . -1.08 -9.78 -14.74
#